data_6F6N
#
_entry.id   6F6N
#
_cell.length_a   114.250
_cell.length_b   114.250
_cell.length_c   306.190
_cell.angle_alpha   90.00
_cell.angle_beta   90.00
_cell.angle_gamma   120.00
#
_symmetry.space_group_name_H-M   'H 3 2'
#
loop_
_entity.id
_entity.type
_entity.pdbx_description
1 polymer 'Envelope glycoprotein,Envelope glycoprotein,GP1'
2 polymer 'Envelope glycoprotein'
3 branched alpha-D-mannopyranose-(1-3)-[alpha-D-mannopyranose-(1-6)]beta-D-mannopyranose-(1-4)-2-acetamido-2-deoxy-beta-D-glucopyranose-(1-4)-2-acetamido-2-deoxy-beta-D-glucopyranose
4 non-polymer 2-acetamido-2-deoxy-beta-D-glucopyranose
5 non-polymer GLYCEROL
6 non-polymer (1S,4S)-4-(3,4-dichlorophenyl)-N-methyl-1,2,3,4-tetrahydronaphthalen-1-amine
7 non-polymer 'DIMETHYL SULFOXIDE'
8 water water
#
loop_
_entity_poly.entity_id
_entity_poly.type
_entity_poly.pdbx_seq_one_letter_code
_entity_poly.pdbx_strand_id
1 'polypeptide(L)'
;ETGRSIPLGVIHNSALQVSDVDKLVCRDKLSSTNQLRSVGLNLEGNGVATDVPSATKRWGFRSGVPPKVVNYEAGEWAEN
CYNLEIKKPDGSECLPAAPDGIRGFPRCRYVHKVSGTGPCAGDFAFHKEGAFFLYDRLASTVIYRGTTFAEGVVAFLILP
QAKKDFFSSHPLREPVNATEDPSSGYYSTTIRYQATGFGTNETEYLFEVDNLTYVQLESRFTPQFLLQLNETIYTSGKRS
NTTGKLIWKVNPEIDTTIGEWAFWETKKNLTRKIRSEELSFTVVSTHHQDTGEESASSGKLGLITNTIAGVAGLITGGRR
TRR(UNK)(UNK)(UNK)(UNK)(UNK)(UNK)(UNK)
;
A
2 'polypeptide(L)'
;EAIVNAQPKCNPNLHYWTTQDEGAAIGLAWIPYFGPAAEGIYIEGLMHNQDGLICGLRQLANETTQALQLFLRATTELRT
FSILNRKAIDFLLQRWGGTCHILGPDCCIEPADWTKNITDKIDQIIHDFVDGSGYIPEAPRDGQAYVRKDGEWVLLSTFL
GTHHHHHH
;
B
#
loop_
_chem_comp.id
_chem_comp.type
_chem_comp.name
_chem_comp.formula
BMA D-saccharide, beta linking beta-D-mannopyranose 'C6 H12 O6'
DMS non-polymer 'DIMETHYL SULFOXIDE' 'C2 H6 O S'
GOL non-polymer GLYCEROL 'C3 H8 O3'
MAN D-saccharide, alpha linking alpha-D-mannopyranose 'C6 H12 O6'
NAG D-saccharide, beta linking 2-acetamido-2-deoxy-beta-D-glucopyranose 'C8 H15 N O6'
SRE non-polymer (1S,4S)-4-(3,4-dichlorophenyl)-N-methyl-1,2,3,4-tetrahydronaphthalen-1-amine 'C17 H17 Cl2 N'
#
# COMPACT_ATOMS: atom_id res chain seq x y z
N SER A 5 8.61 16.46 -10.46
CA SER A 5 8.93 15.23 -11.17
C SER A 5 8.87 14.02 -10.25
N ILE A 6 8.31 12.92 -10.75
CA ILE A 6 8.13 11.70 -9.96
C ILE A 6 9.50 11.13 -9.60
N PRO A 7 9.84 11.03 -8.31
CA PRO A 7 11.19 10.61 -7.94
C PRO A 7 11.39 9.11 -8.09
N LEU A 8 12.65 8.73 -8.16
CA LEU A 8 13.05 7.35 -8.41
C LEU A 8 14.02 6.93 -7.31
N GLY A 9 13.80 5.76 -6.74
CA GLY A 9 14.70 5.23 -5.72
C GLY A 9 15.83 4.44 -6.35
N VAL A 10 17.05 4.65 -5.85
CA VAL A 10 18.23 3.98 -6.37
C VAL A 10 19.19 3.73 -5.22
N ILE A 11 19.93 2.63 -5.31
CA ILE A 11 20.86 2.22 -4.26
C ILE A 11 22.25 2.73 -4.61
N HIS A 12 22.83 3.54 -3.72
CA HIS A 12 24.15 4.11 -3.94
C HIS A 12 24.87 4.22 -2.61
N ASN A 13 26.12 3.72 -2.56
CA ASN A 13 26.94 3.73 -1.35
C ASN A 13 26.22 3.06 -0.19
N SER A 14 25.66 1.88 -0.47
CA SER A 14 24.97 1.06 0.53
C SER A 14 23.82 1.82 1.18
N ALA A 15 23.07 2.57 0.38
CA ALA A 15 21.96 3.37 0.90
C ALA A 15 21.00 3.73 -0.23
N LEU A 16 19.74 3.91 0.14
CA LEU A 16 18.73 4.29 -0.81
C LEU A 16 18.75 5.80 -0.99
N GLN A 17 18.89 6.23 -2.24
CA GLN A 17 18.85 7.65 -2.56
C GLN A 17 17.62 7.92 -3.43
N VAL A 18 17.07 9.13 -3.30
CA VAL A 18 16.08 9.60 -4.27
C VAL A 18 16.83 10.29 -5.38
N SER A 19 16.63 9.82 -6.60
CA SER A 19 17.26 10.40 -7.78
C SER A 19 16.19 10.48 -8.86
N ASP A 20 16.65 10.56 -10.09
CA ASP A 20 15.80 10.51 -11.28
C ASP A 20 16.64 9.98 -12.44
N VAL A 21 15.99 9.64 -13.55
CA VAL A 21 16.71 9.10 -14.70
C VAL A 21 17.66 10.08 -15.37
N ASP A 22 17.36 11.37 -15.28
CA ASP A 22 18.19 12.40 -15.88
C ASP A 22 19.35 12.80 -14.97
N LYS A 23 19.40 12.24 -13.77
CA LYS A 23 20.46 12.60 -12.84
C LYS A 23 21.46 11.47 -12.60
N LEU A 24 21.35 10.37 -13.33
CA LEU A 24 22.28 9.26 -13.11
C LEU A 24 23.60 9.52 -13.83
N VAL A 25 24.63 8.84 -13.37
CA VAL A 25 25.94 8.91 -13.99
C VAL A 25 26.14 7.67 -14.84
N CYS A 26 27.19 7.70 -15.67
CA CYS A 26 27.35 6.66 -16.69
C CYS A 26 27.59 5.28 -16.09
N ARG A 27 28.12 5.23 -14.86
CA ARG A 27 28.34 3.93 -14.24
C ARG A 27 27.02 3.26 -13.87
N ASP A 28 25.99 4.04 -13.61
CA ASP A 28 24.66 3.49 -13.36
C ASP A 28 24.12 2.85 -14.62
N LYS A 29 23.75 1.58 -14.53
CA LYS A 29 23.39 0.77 -15.69
C LYS A 29 21.94 0.34 -15.58
N LEU A 30 21.15 0.66 -16.59
CA LEU A 30 19.76 0.19 -16.71
C LEU A 30 19.66 -0.62 -17.99
N SER A 31 19.79 -1.93 -17.88
CA SER A 31 19.84 -2.81 -19.05
C SER A 31 18.53 -3.53 -19.33
N SER A 32 17.48 -3.27 -18.54
CA SER A 32 16.21 -3.96 -18.74
C SER A 32 15.12 -3.24 -17.98
N THR A 33 13.92 -3.20 -18.56
CA THR A 33 12.77 -2.69 -17.84
C THR A 33 12.46 -3.52 -16.59
N ASN A 34 13.02 -4.72 -16.50
CA ASN A 34 12.85 -5.51 -15.28
C ASN A 34 13.48 -4.86 -14.06
N GLN A 35 14.45 -3.97 -14.26
CA GLN A 35 15.07 -3.27 -13.15
C GLN A 35 14.18 -2.17 -12.58
N LEU A 36 13.14 -1.75 -13.31
CA LEU A 36 12.23 -0.72 -12.84
C LEU A 36 11.03 -1.37 -12.17
N ARG A 37 10.74 -0.95 -10.93
CA ARG A 37 9.69 -1.56 -10.13
C ARG A 37 8.91 -0.50 -9.38
N SER A 38 7.64 -0.81 -9.12
CA SER A 38 6.77 0.02 -8.31
C SER A 38 6.28 -0.78 -7.11
N VAL A 39 6.26 -0.14 -5.95
CA VAL A 39 5.90 -0.81 -4.70
C VAL A 39 4.87 0.04 -3.96
N GLY A 40 3.88 -0.64 -3.39
CA GLY A 40 2.94 -0.01 -2.47
C GLY A 40 3.31 -0.33 -1.03
N LEU A 41 3.52 0.72 -0.24
CA LEU A 41 3.83 0.59 1.17
C LEU A 41 2.64 1.07 1.99
N ASN A 42 2.31 0.35 3.05
CA ASN A 42 1.14 0.63 3.86
C ASN A 42 1.45 1.70 4.90
N LEU A 43 0.48 2.61 5.12
CA LEU A 43 0.63 3.61 6.17
C LEU A 43 0.82 2.96 7.53
N GLU A 44 0.28 1.75 7.70
CA GLU A 44 0.53 0.93 8.89
C GLU A 44 1.99 0.95 9.32
N GLY A 45 2.90 0.71 8.38
CA GLY A 45 4.32 0.65 8.65
C GLY A 45 4.97 1.95 9.09
N ASN A 46 4.24 3.06 9.06
CA ASN A 46 4.75 4.34 9.54
C ASN A 46 4.24 4.69 10.94
N GLY A 47 3.39 3.85 11.52
CA GLY A 47 2.94 4.04 12.88
C GLY A 47 1.60 4.71 13.04
N VAL A 48 0.82 4.86 11.98
CA VAL A 48 -0.48 5.52 12.09
C VAL A 48 -1.44 4.62 12.87
N ALA A 49 -2.38 5.25 13.56
CA ALA A 49 -3.40 4.49 14.27
C ALA A 49 -4.29 3.76 13.27
N THR A 50 -4.56 2.49 13.56
CA THR A 50 -5.28 1.65 12.62
C THR A 50 -6.69 1.29 13.06
N ASP A 51 -7.10 1.69 14.25
CA ASP A 51 -8.47 1.44 14.69
C ASP A 51 -9.44 2.13 13.75
N VAL A 52 -10.64 1.54 13.63
CA VAL A 52 -11.65 2.10 12.74
C VAL A 52 -11.96 3.56 13.03
N PRO A 53 -12.18 3.99 14.28
CA PRO A 53 -12.46 5.42 14.50
C PRO A 53 -11.35 6.33 13.99
N SER A 54 -10.09 6.00 14.27
CA SER A 54 -8.99 6.85 13.82
C SER A 54 -8.83 6.79 12.30
N ALA A 55 -8.97 5.60 11.72
CA ALA A 55 -8.73 5.44 10.29
C ALA A 55 -9.76 6.18 9.44
N THR A 56 -11.04 6.11 9.83
CA THR A 56 -12.07 6.73 9.02
C THR A 56 -12.01 8.25 9.05
N LYS A 57 -11.42 8.83 10.10
CA LYS A 57 -11.28 10.28 10.15
C LYS A 57 -10.26 10.81 9.14
N ARG A 58 -9.47 9.92 8.53
CA ARG A 58 -8.53 10.31 7.49
C ARG A 58 -9.15 10.36 6.10
N TRP A 59 -10.44 10.04 5.98
CA TRP A 59 -11.13 9.99 4.70
C TRP A 59 -12.29 10.97 4.70
N GLY A 60 -12.56 11.57 3.55
CA GLY A 60 -13.64 12.53 3.45
C GLY A 60 -14.20 12.59 2.04
N PHE A 61 -15.43 13.08 1.94
CA PHE A 61 -16.14 13.16 0.67
C PHE A 61 -15.93 14.52 0.00
N ARG A 62 -15.85 14.50 -1.33
CA ARG A 62 -15.52 15.68 -2.11
C ARG A 62 -16.07 15.50 -3.52
N SER A 63 -16.64 16.57 -4.06
CA SER A 63 -17.13 16.60 -5.43
C SER A 63 -16.24 17.46 -6.30
N GLY A 64 -16.29 17.21 -7.61
CA GLY A 64 -15.58 18.01 -8.60
C GLY A 64 -14.21 17.50 -8.98
N VAL A 65 -13.73 16.45 -8.33
CA VAL A 65 -12.39 15.93 -8.57
C VAL A 65 -12.55 14.53 -9.18
N PRO A 66 -12.14 14.34 -10.43
CA PRO A 66 -12.28 13.01 -11.06
C PRO A 66 -11.36 12.00 -10.41
N PRO A 67 -11.81 10.77 -10.20
CA PRO A 67 -10.94 9.74 -9.61
C PRO A 67 -9.80 9.37 -10.55
N LYS A 68 -8.71 8.91 -9.96
CA LYS A 68 -7.52 8.51 -10.71
C LYS A 68 -6.97 7.22 -10.14
N VAL A 69 -6.45 6.37 -11.03
CA VAL A 69 -5.94 5.05 -10.67
C VAL A 69 -4.55 4.89 -11.27
N VAL A 70 -3.63 4.34 -10.48
CA VAL A 70 -2.29 4.01 -10.94
C VAL A 70 -1.95 2.61 -10.46
N ASN A 71 -1.24 1.85 -11.28
CA ASN A 71 -0.90 0.48 -10.93
C ASN A 71 0.40 0.43 -10.15
N TYR A 72 0.53 -0.59 -9.31
CA TYR A 72 1.78 -0.90 -8.63
C TYR A 72 1.95 -2.41 -8.63
N GLU A 73 3.20 -2.87 -8.67
CA GLU A 73 3.49 -4.26 -8.98
C GLU A 73 3.64 -5.14 -7.75
N ALA A 74 4.12 -4.59 -6.63
CA ALA A 74 4.32 -5.36 -5.41
C ALA A 74 3.78 -4.59 -4.22
N GLY A 75 3.33 -5.34 -3.21
CA GLY A 75 2.74 -4.75 -2.04
C GLY A 75 3.24 -5.42 -0.77
N GLU A 76 2.72 -4.93 0.35
CA GLU A 76 3.11 -5.36 1.68
C GLU A 76 1.91 -6.00 2.37
N TRP A 77 2.15 -7.13 3.06
CA TRP A 77 1.10 -7.76 3.86
C TRP A 77 0.57 -6.77 4.88
N ALA A 78 -0.74 -6.60 4.91
CA ALA A 78 -1.36 -5.64 5.80
C ALA A 78 -1.95 -6.34 7.02
N GLU A 79 -1.82 -5.70 8.18
CA GLU A 79 -2.51 -6.19 9.37
C GLU A 79 -3.96 -5.69 9.40
N ASN A 80 -4.19 -4.48 8.90
CA ASN A 80 -5.51 -3.87 8.91
C ASN A 80 -5.87 -3.42 7.51
N CYS A 81 -7.04 -3.85 7.05
CA CYS A 81 -7.66 -3.37 5.82
C CYS A 81 -9.08 -2.96 6.15
N TYR A 82 -9.74 -2.33 5.18
CA TYR A 82 -11.06 -1.77 5.42
C TYR A 82 -11.96 -2.04 4.22
N ASN A 83 -13.26 -2.17 4.52
CA ASN A 83 -14.26 -2.54 3.52
C ASN A 83 -15.56 -1.84 3.91
N LEU A 84 -15.98 -0.87 3.10
CA LEU A 84 -17.03 0.06 3.49
C LEU A 84 -18.31 -0.19 2.69
N GLU A 85 -19.44 -0.25 3.41
CA GLU A 85 -20.79 -0.32 2.84
C GLU A 85 -21.60 0.79 3.49
N ILE A 86 -21.46 2.01 3.00
CA ILE A 86 -22.08 3.19 3.59
C ILE A 86 -23.21 3.66 2.67
N LYS A 87 -24.36 3.93 3.25
CA LYS A 87 -25.50 4.48 2.53
C LYS A 87 -25.91 5.81 3.16
N LYS A 88 -26.66 6.60 2.40
CA LYS A 88 -27.28 7.78 2.97
C LYS A 88 -28.53 7.38 3.75
N PRO A 89 -29.03 8.26 4.62
CA PRO A 89 -30.29 7.94 5.32
C PRO A 89 -31.42 7.55 4.39
N ASP A 90 -31.50 8.15 3.20
CA ASP A 90 -32.54 7.79 2.24
C ASP A 90 -32.30 6.45 1.57
N GLY A 91 -31.20 5.77 1.86
CA GLY A 91 -30.93 4.44 1.35
C GLY A 91 -30.05 4.38 0.11
N SER A 92 -29.70 5.52 -0.47
CA SER A 92 -28.87 5.52 -1.66
C SER A 92 -27.40 5.28 -1.29
N GLU A 93 -26.68 4.66 -2.23
CA GLU A 93 -25.29 4.30 -1.97
C GLU A 93 -24.40 5.53 -1.93
N CYS A 94 -23.48 5.55 -0.96
CA CYS A 94 -22.51 6.63 -0.88
C CYS A 94 -21.29 6.40 -1.73
N LEU A 95 -20.95 5.15 -2.03
CA LEU A 95 -19.73 4.81 -2.71
C LEU A 95 -20.02 4.09 -4.02
N PRO A 96 -19.20 4.30 -5.04
CA PRO A 96 -19.43 3.63 -6.32
C PRO A 96 -18.94 2.20 -6.31
N ALA A 97 -19.58 1.38 -7.14
CA ALA A 97 -19.15 0.00 -7.31
C ALA A 97 -17.72 -0.03 -7.85
N ALA A 98 -17.01 -1.09 -7.50
CA ALA A 98 -15.63 -1.23 -7.93
C ALA A 98 -15.59 -1.34 -9.46
N PRO A 99 -14.76 -0.54 -10.14
CA PRO A 99 -14.64 -0.67 -11.59
C PRO A 99 -14.14 -2.05 -11.98
N ASP A 100 -14.38 -2.39 -13.25
CA ASP A 100 -13.96 -3.69 -13.77
C ASP A 100 -12.46 -3.89 -13.56
N GLY A 101 -12.11 -5.03 -12.97
CA GLY A 101 -10.71 -5.37 -12.78
C GLY A 101 -10.07 -4.83 -11.53
N ILE A 102 -10.83 -4.19 -10.65
CA ILE A 102 -10.31 -3.68 -9.38
C ILE A 102 -10.81 -4.61 -8.28
N ARG A 103 -9.90 -5.40 -7.72
CA ARG A 103 -10.20 -6.36 -6.67
C ARG A 103 -9.63 -5.89 -5.33
N GLY A 104 -10.05 -6.57 -4.27
CA GLY A 104 -9.61 -6.18 -2.94
C GLY A 104 -8.12 -6.38 -2.73
N PHE A 105 -7.59 -5.68 -1.75
CA PHE A 105 -6.19 -5.83 -1.38
C PHE A 105 -5.91 -7.29 -1.01
N PRO A 106 -4.84 -7.89 -1.51
CA PRO A 106 -4.74 -9.36 -1.47
C PRO A 106 -4.27 -9.95 -0.14
N ARG A 107 -3.68 -9.17 0.77
CA ARG A 107 -3.10 -9.73 2.00
C ARG A 107 -3.52 -8.84 3.17
N CYS A 108 -4.53 -9.28 3.91
CA CYS A 108 -5.08 -8.56 5.04
C CYS A 108 -5.28 -9.52 6.20
N ARG A 109 -4.60 -9.28 7.32
CA ARG A 109 -4.83 -10.10 8.50
C ARG A 109 -6.22 -9.85 9.07
N TYR A 110 -6.60 -8.58 9.19
CA TYR A 110 -7.91 -8.19 9.68
C TYR A 110 -8.57 -7.27 8.67
N VAL A 111 -9.78 -7.64 8.25
CA VAL A 111 -10.59 -6.82 7.36
C VAL A 111 -11.69 -6.18 8.20
N HIS A 112 -11.59 -4.87 8.42
CA HIS A 112 -12.60 -4.14 9.18
C HIS A 112 -13.73 -3.76 8.23
N LYS A 113 -14.81 -4.52 8.26
CA LYS A 113 -15.94 -4.28 7.37
C LYS A 113 -16.95 -3.39 8.08
N VAL A 114 -17.08 -2.15 7.62
CA VAL A 114 -17.93 -1.15 8.24
C VAL A 114 -19.16 -0.95 7.38
N SER A 115 -20.34 -1.21 7.94
CA SER A 115 -21.61 -0.92 7.30
C SER A 115 -22.34 0.14 8.11
N GLY A 116 -23.05 1.03 7.43
CA GLY A 116 -23.78 2.04 8.17
C GLY A 116 -24.20 3.19 7.28
N THR A 117 -24.47 4.33 7.91
CA THR A 117 -25.05 5.49 7.27
C THR A 117 -24.28 6.75 7.62
N GLY A 118 -24.39 7.74 6.73
CA GLY A 118 -23.80 9.04 6.92
C GLY A 118 -24.31 10.02 5.89
N PRO A 119 -23.97 11.31 6.04
CA PRO A 119 -24.44 12.30 5.07
C PRO A 119 -23.77 12.16 3.71
N CYS A 120 -22.47 11.88 3.69
CA CYS A 120 -21.73 11.67 2.44
C CYS A 120 -21.89 12.86 1.50
N ALA A 121 -21.43 14.02 1.98
CA ALA A 121 -21.58 15.27 1.23
C ALA A 121 -20.45 15.40 0.20
N GLY A 122 -20.51 14.55 -0.82
CA GLY A 122 -19.52 14.55 -1.87
C GLY A 122 -19.62 13.34 -2.77
N ASP A 123 -19.20 13.49 -4.03
CA ASP A 123 -19.37 12.41 -5.00
C ASP A 123 -18.44 11.24 -4.71
N PHE A 124 -17.23 11.52 -4.23
CA PHE A 124 -16.25 10.47 -3.98
C PHE A 124 -15.58 10.69 -2.63
N ALA A 125 -15.11 9.60 -2.04
CA ALA A 125 -14.40 9.63 -0.76
C ALA A 125 -12.90 9.58 -1.02
N PHE A 126 -12.19 10.63 -0.59
CA PHE A 126 -10.76 10.76 -0.79
C PHE A 126 -10.02 10.60 0.53
N HIS A 127 -8.70 10.47 0.44
CA HIS A 127 -7.84 10.43 1.60
C HIS A 127 -7.41 11.86 1.95
N LYS A 128 -7.73 12.28 3.18
CA LYS A 128 -7.50 13.67 3.57
C LYS A 128 -6.02 14.02 3.64
N GLU A 129 -5.13 13.04 3.75
CA GLU A 129 -3.70 13.28 3.82
C GLU A 129 -3.02 13.02 2.48
N GLY A 130 -3.79 12.80 1.42
CA GLY A 130 -3.22 12.61 0.09
C GLY A 130 -2.72 11.21 -0.19
N ALA A 131 -2.90 10.27 0.73
CA ALA A 131 -2.47 8.90 0.49
C ALA A 131 -3.41 8.23 -0.52
N PHE A 132 -3.08 6.99 -0.86
CA PHE A 132 -3.87 6.21 -1.79
C PHE A 132 -4.60 5.08 -1.07
N PHE A 133 -5.69 4.63 -1.68
CA PHE A 133 -6.37 3.42 -1.25
C PHE A 133 -5.87 2.28 -2.12
N LEU A 134 -5.11 1.39 -1.52
CA LEU A 134 -4.51 0.29 -2.25
C LEU A 134 -5.40 -0.92 -2.41
N TYR A 135 -5.65 -1.27 -3.66
CA TYR A 135 -6.41 -2.45 -3.99
C TYR A 135 -5.44 -3.51 -4.54
N ASP A 136 -5.94 -4.42 -5.35
CA ASP A 136 -5.10 -5.49 -5.91
C ASP A 136 -4.25 -4.91 -7.03
N ARG A 137 -3.05 -4.45 -6.66
CA ARG A 137 -2.06 -3.93 -7.60
C ARG A 137 -2.57 -2.71 -8.36
N LEU A 138 -3.62 -2.07 -7.88
CA LEU A 138 -4.10 -0.81 -8.40
C LEU A 138 -4.33 0.13 -7.24
N ALA A 139 -3.76 1.33 -7.31
CA ALA A 139 -3.93 2.34 -6.28
C ALA A 139 -4.89 3.41 -6.78
N SER A 140 -5.91 3.72 -5.99
CA SER A 140 -6.91 4.69 -6.37
C SER A 140 -6.91 5.86 -5.40
N THR A 141 -7.37 7.01 -5.89
CA THR A 141 -7.53 8.17 -5.02
C THR A 141 -8.84 8.14 -4.25
N VAL A 142 -9.73 7.19 -4.54
CA VAL A 142 -11.07 7.15 -3.96
C VAL A 142 -11.35 5.75 -3.44
N ILE A 143 -12.39 5.66 -2.60
CA ILE A 143 -12.83 4.41 -2.00
C ILE A 143 -13.95 3.84 -2.84
N TYR A 144 -13.88 2.53 -3.12
CA TYR A 144 -14.94 1.83 -3.83
C TYR A 144 -15.77 1.01 -2.85
N ARG A 145 -17.05 0.86 -3.18
CA ARG A 145 -18.00 0.20 -2.29
C ARG A 145 -17.65 -1.28 -2.10
N GLY A 146 -17.71 -1.73 -0.85
CA GLY A 146 -17.54 -3.14 -0.53
C GLY A 146 -16.27 -3.77 -1.04
N THR A 147 -15.22 -2.98 -1.20
CA THR A 147 -13.96 -3.46 -1.77
C THR A 147 -12.85 -3.24 -0.75
N THR A 148 -12.17 -4.32 -0.38
CA THR A 148 -11.15 -4.26 0.67
C THR A 148 -9.93 -3.48 0.19
N PHE A 149 -9.49 -2.53 1.01
CA PHE A 149 -8.33 -1.72 0.68
C PHE A 149 -7.45 -1.54 1.91
N ALA A 150 -6.19 -1.21 1.65
CA ALA A 150 -5.26 -0.72 2.66
C ALA A 150 -4.84 0.69 2.28
N GLU A 151 -4.68 1.55 3.28
CA GLU A 151 -4.13 2.88 3.05
C GLU A 151 -2.64 2.76 2.80
N GLY A 152 -2.15 3.47 1.80
CA GLY A 152 -0.73 3.36 1.51
C GLY A 152 -0.28 4.37 0.47
N VAL A 153 0.99 4.25 0.12
CA VAL A 153 1.65 5.14 -0.84
C VAL A 153 2.54 4.30 -1.75
N VAL A 154 2.94 4.89 -2.87
CA VAL A 154 3.63 4.17 -3.93
C VAL A 154 5.01 4.75 -4.13
N ALA A 155 6.00 3.87 -4.30
CA ALA A 155 7.37 4.25 -4.61
C ALA A 155 7.80 3.58 -5.90
N PHE A 156 8.74 4.22 -6.59
CA PHE A 156 9.29 3.70 -7.85
C PHE A 156 10.79 3.53 -7.69
N LEU A 157 11.32 2.41 -8.19
CA LEU A 157 12.68 2.00 -7.90
C LEU A 157 13.42 1.59 -9.18
N ILE A 158 14.73 1.80 -9.16
CA ILE A 158 15.65 1.17 -10.10
C ILE A 158 16.46 0.15 -9.30
N LEU A 159 16.26 -1.13 -9.59
CA LEU A 159 17.04 -2.16 -8.92
C LEU A 159 18.39 -2.34 -9.61
N PRO A 160 19.38 -2.85 -8.90
CA PRO A 160 20.65 -3.21 -9.54
C PRO A 160 20.46 -4.39 -10.49
N GLN A 161 21.44 -4.57 -11.37
CA GLN A 161 21.41 -5.71 -12.27
C GLN A 161 21.37 -7.02 -11.50
N ALA A 162 22.24 -7.16 -10.51
CA ALA A 162 22.32 -8.38 -9.72
C ALA A 162 21.94 -8.12 -8.26
N GLY A 185 1.73 -19.28 6.06
CA GLY A 185 0.32 -19.36 5.73
C GLY A 185 -0.37 -18.02 5.77
N TYR A 186 -1.50 -17.91 5.07
CA TYR A 186 -2.27 -16.68 4.99
C TYR A 186 -3.63 -16.88 5.67
N TYR A 187 -3.83 -16.20 6.79
CA TYR A 187 -5.11 -16.18 7.49
C TYR A 187 -5.70 -14.78 7.44
N SER A 188 -7.02 -14.70 7.27
CA SER A 188 -7.70 -13.40 7.21
C SER A 188 -9.00 -13.50 8.01
N THR A 189 -9.26 -12.50 8.83
CA THR A 189 -10.44 -12.46 9.67
C THR A 189 -11.21 -11.18 9.40
N THR A 190 -12.52 -11.30 9.20
CA THR A 190 -13.38 -10.16 8.98
C THR A 190 -14.00 -9.70 10.28
N ILE A 191 -13.83 -8.43 10.61
CA ILE A 191 -14.40 -7.82 11.80
C ILE A 191 -15.45 -6.81 11.36
N ARG A 192 -16.69 -7.02 11.79
CA ARG A 192 -17.84 -6.27 11.29
C ARG A 192 -18.26 -5.17 12.25
N TYR A 193 -18.57 -4.00 11.70
CA TYR A 193 -18.98 -2.84 12.47
C TYR A 193 -20.23 -2.22 11.87
N GLN A 194 -21.03 -1.61 12.74
CA GLN A 194 -22.14 -0.74 12.35
CA GLN A 194 -22.12 -0.74 12.32
C GLN A 194 -21.76 0.70 12.66
N ALA A 195 -22.16 1.62 11.79
CA ALA A 195 -21.78 3.02 11.96
C ALA A 195 -22.96 3.94 11.68
N THR A 196 -23.06 5.02 12.43
CA THR A 196 -24.01 6.09 12.17
C THR A 196 -23.25 7.41 12.13
N GLY A 197 -23.76 8.34 11.33
CA GLY A 197 -23.08 9.61 11.16
C GLY A 197 -21.69 9.47 10.57
N PHE A 198 -21.53 8.54 9.63
CA PHE A 198 -20.22 8.28 9.04
C PHE A 198 -19.72 9.51 8.29
N GLY A 199 -18.44 9.83 8.48
CA GLY A 199 -17.81 10.94 7.81
C GLY A 199 -17.86 12.26 8.57
N THR A 200 -18.75 12.38 9.55
CA THR A 200 -18.84 13.60 10.35
C THR A 200 -17.91 13.51 11.54
N ASN A 201 -17.94 14.53 12.39
CA ASN A 201 -17.23 14.49 13.67
C ASN A 201 -18.11 13.94 14.79
N GLU A 202 -19.34 13.51 14.47
CA GLU A 202 -20.23 12.86 15.43
C GLU A 202 -20.52 11.42 15.02
N THR A 203 -19.48 10.62 14.76
CA THR A 203 -19.67 9.26 14.26
C THR A 203 -19.68 8.25 15.39
N GLU A 204 -20.65 7.36 15.38
CA GLU A 204 -20.78 6.31 16.39
C GLU A 204 -20.51 4.96 15.74
N TYR A 205 -19.72 4.13 16.40
CA TYR A 205 -19.35 2.81 15.90
C TYR A 205 -19.73 1.74 16.91
N LEU A 206 -20.21 0.61 16.39
CA LEU A 206 -20.53 -0.56 17.19
C LEU A 206 -19.85 -1.78 16.58
N PHE A 207 -19.19 -2.57 17.42
CA PHE A 207 -18.63 -3.84 16.98
C PHE A 207 -19.71 -4.91 17.03
N GLU A 208 -19.82 -5.69 15.95
CA GLU A 208 -20.91 -6.63 15.80
C GLU A 208 -20.49 -8.01 16.29
N VAL A 209 -21.15 -8.47 17.36
CA VAL A 209 -20.96 -9.84 17.84
C VAL A 209 -21.84 -10.82 17.09
N ASP A 210 -23.15 -10.55 17.08
CA ASP A 210 -24.06 -11.18 16.12
C ASP A 210 -25.01 -10.09 15.64
N ASN A 211 -26.05 -10.49 14.90
CA ASN A 211 -26.97 -9.51 14.32
C ASN A 211 -27.79 -8.77 15.38
N LEU A 212 -27.73 -9.17 16.65
CA LEU A 212 -28.46 -8.49 17.70
C LEU A 212 -27.61 -8.15 18.92
N THR A 213 -26.32 -8.51 18.94
CA THR A 213 -25.44 -8.23 20.06
C THR A 213 -24.27 -7.38 19.58
N TYR A 214 -24.05 -6.24 20.24
CA TYR A 214 -23.05 -5.29 19.82
C TYR A 214 -22.28 -4.76 21.02
N VAL A 215 -21.10 -4.22 20.74
CA VAL A 215 -20.25 -3.59 21.74
C VAL A 215 -19.94 -2.17 21.28
N GLN A 216 -20.11 -1.20 22.17
CA GLN A 216 -19.73 0.17 21.86
C GLN A 216 -18.25 0.23 21.58
N LEU A 217 -17.89 0.72 20.39
CA LEU A 217 -16.50 0.73 19.95
C LEU A 217 -15.77 1.95 20.47
N GLU A 218 -14.52 1.74 20.90
CA GLU A 218 -13.62 2.81 21.28
C GLU A 218 -12.31 2.65 20.53
N SER A 219 -11.59 3.76 20.38
CA SER A 219 -10.38 3.76 19.56
C SER A 219 -9.32 2.83 20.12
N ARG A 220 -9.32 2.61 21.43
CA ARG A 220 -8.27 1.81 22.06
C ARG A 220 -8.42 0.31 21.82
N PHE A 221 -9.57 -0.14 21.31
CA PHE A 221 -9.79 -1.58 21.11
C PHE A 221 -8.96 -2.08 19.94
N THR A 222 -8.04 -3.00 20.21
CA THR A 222 -7.24 -3.64 19.17
C THR A 222 -8.03 -4.76 18.52
N PRO A 223 -7.60 -5.23 17.34
CA PRO A 223 -8.31 -6.36 16.70
C PRO A 223 -8.36 -7.61 17.56
N GLN A 224 -7.25 -7.98 18.20
CA GLN A 224 -7.26 -9.20 19.01
C GLN A 224 -8.13 -9.05 20.25
N PHE A 225 -8.23 -7.85 20.82
CA PHE A 225 -9.15 -7.64 21.93
C PHE A 225 -10.60 -7.84 21.48
N LEU A 226 -10.94 -7.33 20.29
CA LEU A 226 -12.29 -7.50 19.79
C LEU A 226 -12.61 -8.96 19.54
N LEU A 227 -11.63 -9.73 19.03
CA LEU A 227 -11.89 -11.14 18.74
C LEU A 227 -12.02 -11.95 20.02
N GLN A 228 -11.23 -11.61 21.05
CA GLN A 228 -11.34 -12.32 22.33
C GLN A 228 -12.55 -11.86 23.13
N LEU A 229 -12.90 -10.57 23.05
CA LEU A 229 -14.16 -10.12 23.60
C LEU A 229 -15.33 -10.80 22.90
N ASN A 230 -15.21 -11.03 21.60
CA ASN A 230 -16.25 -11.74 20.86
C ASN A 230 -16.35 -13.19 21.33
N GLU A 231 -15.21 -13.87 21.46
CA GLU A 231 -15.24 -15.27 21.91
C GLU A 231 -15.75 -15.36 23.34
N THR A 232 -15.37 -14.41 24.19
CA THR A 232 -15.85 -14.42 25.57
C THR A 232 -17.37 -14.27 25.63
N ILE A 233 -17.92 -13.38 24.81
CA ILE A 233 -19.36 -13.17 24.81
C ILE A 233 -20.09 -14.42 24.33
N TYR A 234 -19.54 -15.12 23.35
CA TYR A 234 -20.16 -16.35 22.86
C TYR A 234 -20.07 -17.47 23.90
N THR A 235 -18.88 -17.68 24.47
CA THR A 235 -18.67 -18.80 25.38
C THR A 235 -19.18 -18.52 26.79
N SER A 236 -19.33 -17.26 27.17
CA SER A 236 -19.98 -16.94 28.43
C SER A 236 -21.49 -16.81 28.29
N GLY A 237 -22.01 -16.99 27.08
CA GLY A 237 -23.44 -16.88 26.83
C GLY A 237 -24.00 -15.49 27.11
N LYS A 238 -23.28 -14.45 26.72
CA LYS A 238 -23.71 -13.07 26.95
C LYS A 238 -24.32 -12.43 25.71
N ARG A 239 -24.74 -13.24 24.74
CA ARG A 239 -25.45 -12.73 23.58
C ARG A 239 -26.91 -12.45 23.94
N SER A 240 -27.57 -11.69 23.08
CA SER A 240 -28.99 -11.40 23.29
C SER A 240 -29.82 -12.66 23.13
N ASN A 241 -30.66 -12.96 24.13
CA ASN A 241 -31.69 -14.00 23.99
C ASN A 241 -33.06 -13.35 23.90
N THR A 242 -33.17 -12.32 23.06
CA THR A 242 -34.41 -11.60 22.85
C THR A 242 -34.46 -11.24 21.37
N THR A 243 -35.67 -10.89 20.90
CA THR A 243 -35.79 -10.32 19.56
C THR A 243 -35.13 -8.96 19.45
N GLY A 244 -34.79 -8.31 20.57
CA GLY A 244 -34.28 -6.95 20.55
C GLY A 244 -32.76 -6.88 20.49
N LYS A 245 -32.28 -5.64 20.42
CA LYS A 245 -30.87 -5.34 20.21
C LYS A 245 -30.18 -5.10 21.55
N LEU A 246 -29.05 -5.77 21.75
CA LEU A 246 -28.30 -5.70 23.00
C LEU A 246 -26.94 -5.06 22.72
N ILE A 247 -26.65 -3.97 23.40
CA ILE A 247 -25.41 -3.22 23.21
C ILE A 247 -24.64 -3.23 24.52
N TRP A 248 -23.47 -3.88 24.51
CA TRP A 248 -22.59 -3.87 25.66
C TRP A 248 -21.68 -2.64 25.63
N LYS A 249 -21.28 -2.18 26.80
CA LYS A 249 -20.26 -1.16 26.94
C LYS A 249 -19.14 -1.69 27.82
N VAL A 250 -17.91 -1.64 27.31
CA VAL A 250 -16.74 -1.95 28.11
C VAL A 250 -16.35 -0.69 28.87
N ASN A 251 -16.35 -0.78 30.19
CA ASN A 251 -16.09 0.36 31.04
C ASN A 251 -14.60 0.68 31.06
N PRO A 252 -14.24 1.95 31.36
CA PRO A 252 -12.83 2.37 31.26
C PRO A 252 -11.86 1.54 32.09
N GLU A 253 -12.39 0.68 32.98
CA GLU A 253 -11.55 -0.14 33.84
C GLU A 253 -10.56 -0.96 33.04
N ILE A 254 -11.04 -1.62 31.99
CA ILE A 254 -10.33 -2.72 31.36
C ILE A 254 -9.34 -2.22 30.32
N ASP A 255 -8.20 -2.89 30.23
CA ASP A 255 -7.11 -2.52 29.34
C ASP A 255 -7.25 -3.22 28.00
N THR A 256 -6.57 -2.66 27.00
CA THR A 256 -6.58 -3.25 25.67
C THR A 256 -5.22 -3.11 24.99
N THR A 257 -4.71 -1.89 24.91
CA THR A 257 -3.41 -1.64 24.29
C THR A 257 -2.27 -2.01 25.23
N TRP A 261 1.98 1.16 21.00
CA TRP A 261 2.69 -0.02 20.53
C TRP A 261 2.23 -0.45 19.15
N ALA A 262 3.19 -0.63 18.24
CA ALA A 262 2.88 -1.06 16.89
C ALA A 262 2.74 -2.58 16.84
N PHE A 263 2.04 -3.05 15.79
CA PHE A 263 1.67 -4.46 15.73
C PHE A 263 2.87 -5.38 15.53
N TRP A 264 3.97 -4.87 14.97
CA TRP A 264 5.10 -5.72 14.61
C TRP A 264 6.12 -5.87 15.72
N GLU A 265 5.98 -5.14 16.83
CA GLU A 265 6.98 -5.15 17.88
C GLU A 265 6.46 -5.66 19.22
N THR A 266 5.22 -6.12 19.28
CA THR A 266 4.66 -6.64 20.52
C THR A 266 5.23 -8.01 20.88
N SER A 276 -7.69 -12.60 28.42
CA SER A 276 -9.13 -12.54 28.66
C SER A 276 -9.67 -13.92 29.02
N GLU A 277 -10.18 -14.05 30.24
CA GLU A 277 -10.74 -15.31 30.70
C GLU A 277 -12.17 -15.11 31.19
N GLU A 278 -12.39 -14.40 32.28
CA GLU A 278 -13.71 -14.25 32.86
C GLU A 278 -13.89 -12.81 33.33
N LEU A 279 -15.05 -12.24 33.00
CA LEU A 279 -15.39 -10.87 33.36
C LEU A 279 -16.80 -10.85 33.95
N SER A 280 -17.32 -9.66 34.23
CA SER A 280 -18.65 -9.48 34.79
C SER A 280 -19.55 -8.78 33.77
N PHE A 281 -20.79 -9.23 33.69
CA PHE A 281 -21.74 -8.74 32.69
C PHE A 281 -23.09 -8.54 33.36
N THR A 282 -23.58 -7.30 33.36
CA THR A 282 -24.88 -6.97 33.91
C THR A 282 -25.59 -5.98 33.00
N VAL A 283 -26.91 -6.13 32.86
CA VAL A 283 -27.69 -5.31 31.94
C VAL A 283 -28.20 -4.07 32.67
N VAL A 284 -28.29 -2.96 31.93
CA VAL A 284 -28.73 -1.70 32.50
C VAL A 284 -29.85 -1.09 31.65
N UNK A 324 -33.70 -1.57 22.16
CA UNK A 324 -32.54 -0.81 22.61
C UNK A 324 -32.25 -1.07 24.09
N UNK A 325 -31.48 -2.11 24.37
CA UNK A 325 -31.13 -2.51 25.72
C UNK A 325 -29.62 -2.31 25.92
N UNK A 326 -29.26 -1.35 26.77
CA UNK A 326 -27.86 -1.09 27.08
C UNK A 326 -27.39 -1.98 28.22
N UNK A 327 -26.08 -2.07 28.37
CA UNK A 327 -25.48 -2.91 29.39
C UNK A 327 -24.02 -2.52 29.57
N UNK A 328 -23.37 -3.13 30.55
CA UNK A 328 -22.00 -2.80 30.91
C UNK A 328 -21.22 -4.07 31.20
N UNK A 329 -19.92 -4.04 30.92
CA UNK A 329 -19.02 -5.17 31.13
C UNK A 329 -17.83 -4.70 31.94
N UNK A 330 -17.51 -5.43 33.01
CA UNK A 330 -16.39 -5.09 33.88
C UNK A 330 -15.61 -6.32 34.31
N GLU B 1 20.35 12.96 -3.71
CA GLU B 1 19.84 13.28 -2.38
C GLU B 1 19.43 12.02 -1.63
N ALA B 2 19.90 11.89 -0.39
CA ALA B 2 19.61 10.72 0.41
C ALA B 2 18.25 10.85 1.10
N ILE B 3 17.78 9.72 1.63
CA ILE B 3 16.45 9.61 2.21
C ILE B 3 16.56 9.68 3.72
N VAL B 4 15.84 10.61 4.34
CA VAL B 4 15.78 10.71 5.79
C VAL B 4 14.36 10.32 6.21
N ASN B 5 14.23 9.15 6.82
CA ASN B 5 12.94 8.72 7.33
C ASN B 5 12.54 9.62 8.49
N ALA B 6 11.42 10.32 8.34
CA ALA B 6 10.89 11.23 9.35
C ALA B 6 9.50 10.82 9.78
N GLN B 7 9.22 9.51 9.81
CA GLN B 7 7.92 9.00 10.19
C GLN B 7 7.88 8.72 11.69
N PRO B 8 6.69 8.67 12.29
CA PRO B 8 6.61 8.36 13.73
C PRO B 8 7.22 7.01 14.07
N LYS B 9 7.05 6.02 13.21
CA LYS B 9 7.61 4.69 13.41
C LYS B 9 8.07 4.13 12.07
N CYS B 10 8.85 3.05 12.13
CA CYS B 10 9.24 2.30 10.94
C CYS B 10 9.16 0.81 11.25
N ASN B 11 8.40 0.09 10.45
CA ASN B 11 8.45 -1.37 10.48
C ASN B 11 9.66 -1.79 9.65
N PRO B 12 10.73 -2.27 10.29
CA PRO B 12 11.99 -2.48 9.56
C PRO B 12 11.97 -3.70 8.65
N ASN B 13 10.94 -4.53 8.72
CA ASN B 13 10.83 -5.72 7.88
C ASN B 13 9.71 -5.53 6.88
N LEU B 14 9.93 -5.98 5.64
CA LEU B 14 8.95 -5.87 4.58
C LEU B 14 8.48 -7.27 4.19
N HIS B 15 7.33 -7.65 4.72
CA HIS B 15 6.66 -8.88 4.31
C HIS B 15 5.85 -8.55 3.05
N TYR B 16 6.38 -8.94 1.90
CA TYR B 16 5.84 -8.48 0.63
C TYR B 16 5.11 -9.59 -0.11
N TRP B 17 4.21 -9.17 -0.99
CA TRP B 17 3.54 -10.03 -1.95
C TRP B 17 3.73 -9.42 -3.34
N THR B 18 3.81 -10.30 -4.34
CA THR B 18 3.88 -9.87 -5.73
C THR B 18 3.55 -11.06 -6.61
N THR B 19 3.63 -10.86 -7.93
CA THR B 19 3.32 -11.87 -8.92
C THR B 19 4.62 -12.33 -9.60
N GLN B 20 4.53 -12.74 -10.86
CA GLN B 20 5.64 -13.26 -11.64
C GLN B 20 5.23 -13.30 -13.10
N ASP B 21 5.88 -12.52 -13.95
CA ASP B 21 5.54 -12.57 -15.36
C ASP B 21 5.90 -13.90 -16.01
N GLU B 22 6.72 -14.71 -15.36
CA GLU B 22 7.00 -16.06 -15.83
C GLU B 22 6.67 -17.08 -14.74
N GLY B 23 7.66 -17.88 -14.35
CA GLY B 23 7.41 -18.98 -13.44
C GLY B 23 7.18 -20.24 -14.24
N ALA B 24 8.20 -21.09 -14.32
CA ALA B 24 8.08 -22.36 -15.04
C ALA B 24 6.87 -23.13 -14.55
N ALA B 25 5.75 -23.02 -15.27
CA ALA B 25 4.51 -23.65 -14.83
C ALA B 25 4.65 -25.16 -14.78
N ILE B 26 3.97 -25.77 -13.84
CA ILE B 26 3.97 -27.22 -13.65
C ILE B 26 2.84 -27.79 -14.49
N GLY B 27 3.19 -28.50 -15.56
CA GLY B 27 2.19 -29.13 -16.40
C GLY B 27 1.25 -28.18 -17.10
N LEU B 28 -0.03 -28.21 -16.71
CA LEU B 28 -1.07 -27.41 -17.35
C LEU B 28 -1.39 -26.14 -16.57
N ALA B 29 -0.62 -25.82 -15.53
CA ALA B 29 -1.00 -24.74 -14.62
C ALA B 29 -0.95 -23.37 -15.28
N TRP B 30 -0.28 -23.24 -16.42
CA TRP B 30 -0.24 -21.97 -17.12
C TRP B 30 -1.52 -21.68 -17.89
N ILE B 31 -2.34 -22.70 -18.13
CA ILE B 31 -3.60 -22.54 -18.84
C ILE B 31 -4.61 -21.87 -17.91
N PRO B 32 -5.21 -20.75 -18.32
CA PRO B 32 -6.18 -20.06 -17.45
C PRO B 32 -7.29 -20.96 -16.94
N TYR B 33 -7.79 -21.87 -17.78
CA TYR B 33 -8.88 -22.75 -17.39
C TYR B 33 -8.47 -23.64 -16.22
N PHE B 34 -7.20 -24.07 -16.19
CA PHE B 34 -6.73 -24.98 -15.15
C PHE B 34 -5.95 -24.28 -14.04
N GLY B 35 -5.50 -23.06 -14.26
CA GLY B 35 -4.58 -22.42 -13.36
C GLY B 35 -5.22 -21.86 -12.10
N PRO B 36 -4.43 -21.16 -11.29
CA PRO B 36 -4.95 -20.61 -10.03
C PRO B 36 -5.97 -19.52 -10.26
N ALA B 37 -6.82 -19.32 -9.25
CA ALA B 37 -7.75 -18.21 -9.28
C ALA B 37 -7.00 -16.91 -8.97
N ALA B 38 -7.74 -15.80 -8.97
CA ALA B 38 -7.12 -14.51 -8.71
C ALA B 38 -6.43 -14.47 -7.36
N GLU B 39 -6.95 -15.21 -6.37
CA GLU B 39 -6.37 -15.18 -5.03
C GLU B 39 -5.09 -15.98 -4.93
N GLY B 40 -4.78 -16.83 -5.92
CA GLY B 40 -3.68 -17.76 -5.80
C GLY B 40 -2.51 -17.52 -6.75
N ILE B 41 -2.38 -16.29 -7.25
CA ILE B 41 -1.30 -15.98 -8.20
C ILE B 41 -0.12 -15.31 -7.53
N TYR B 42 -0.15 -15.14 -6.22
CA TYR B 42 0.86 -14.34 -5.53
C TYR B 42 1.99 -15.19 -4.96
N ILE B 43 3.17 -14.61 -4.93
CA ILE B 43 4.30 -15.14 -4.19
C ILE B 43 4.59 -14.19 -3.03
N GLU B 44 5.22 -14.71 -1.98
CA GLU B 44 5.53 -13.93 -0.80
C GLU B 44 7.02 -13.98 -0.51
N GLY B 45 7.49 -12.99 0.23
CA GLY B 45 8.88 -12.94 0.66
C GLY B 45 9.00 -12.03 1.86
N LEU B 46 10.17 -12.07 2.49
CA LEU B 46 10.48 -11.26 3.65
C LEU B 46 11.83 -10.58 3.42
N MET B 47 11.84 -9.25 3.52
CA MET B 47 13.06 -8.47 3.34
C MET B 47 13.33 -7.68 4.60
N HIS B 48 14.58 -7.74 5.08
CA HIS B 48 14.99 -7.05 6.29
C HIS B 48 15.67 -5.73 5.95
N ASN B 49 15.96 -4.96 7.01
CA ASN B 49 16.40 -3.57 6.88
C ASN B 49 17.91 -3.42 6.71
N GLN B 50 18.54 -4.31 5.95
CA GLN B 50 19.97 -4.16 5.66
C GLN B 50 20.20 -2.90 4.83
N ASP B 51 21.26 -2.17 5.17
CA ASP B 51 21.56 -0.85 4.59
C ASP B 51 20.42 0.14 4.78
N GLY B 52 19.49 -0.16 5.68
CA GLY B 52 18.39 0.77 5.96
C GLY B 52 17.45 0.96 4.79
N LEU B 53 17.37 -0.04 3.91
CA LEU B 53 16.63 0.14 2.67
C LEU B 53 15.12 0.16 2.93
N ILE B 54 14.65 -0.63 3.89
CA ILE B 54 13.22 -0.72 4.14
C ILE B 54 12.69 0.59 4.73
N CYS B 55 13.35 1.10 5.77
CA CYS B 55 12.92 2.37 6.35
C CYS B 55 13.11 3.51 5.35
N GLY B 56 14.12 3.43 4.50
CA GLY B 56 14.27 4.43 3.46
C GLY B 56 13.18 4.32 2.40
N LEU B 57 12.78 3.08 2.07
CA LEU B 57 11.73 2.87 1.09
C LEU B 57 10.39 3.41 1.57
N ARG B 58 10.09 3.25 2.86
CA ARG B 58 8.84 3.80 3.40
C ARG B 58 8.83 5.32 3.29
N GLN B 59 9.97 5.96 3.57
CA GLN B 59 10.05 7.41 3.42
C GLN B 59 9.98 7.82 1.95
N LEU B 60 10.62 7.04 1.08
CA LEU B 60 10.58 7.35 -0.35
C LEU B 60 9.16 7.34 -0.88
N ALA B 61 8.39 6.30 -0.56
CA ALA B 61 7.00 6.24 -0.99
C ALA B 61 6.19 7.42 -0.46
N ASN B 62 6.45 7.79 0.80
CA ASN B 62 5.81 8.96 1.39
C ASN B 62 6.11 10.22 0.59
N GLU B 63 7.38 10.46 0.30
CA GLU B 63 7.78 11.68 -0.39
C GLU B 63 7.39 11.66 -1.87
N THR B 64 7.19 10.47 -2.45
CA THR B 64 6.79 10.37 -3.84
C THR B 64 5.36 10.87 -4.07
N THR B 65 4.55 10.91 -3.01
CA THR B 65 3.11 11.06 -3.17
C THR B 65 2.73 12.38 -3.84
N GLN B 66 3.35 13.49 -3.44
CA GLN B 66 2.95 14.78 -3.98
C GLN B 66 3.15 14.82 -5.49
N ALA B 67 4.34 14.45 -5.97
CA ALA B 67 4.60 14.46 -7.40
C ALA B 67 3.69 13.47 -8.13
N LEU B 68 3.44 12.31 -7.53
CA LEU B 68 2.56 11.33 -8.15
C LEU B 68 1.13 11.84 -8.22
N GLN B 69 0.63 12.46 -7.14
CA GLN B 69 -0.73 12.98 -7.15
C GLN B 69 -0.88 14.10 -8.17
N LEU B 70 0.13 14.98 -8.27
CA LEU B 70 0.05 16.07 -9.24
C LEU B 70 0.10 15.53 -10.67
N PHE B 71 0.89 14.48 -10.91
CA PHE B 71 0.89 13.84 -12.21
C PHE B 71 -0.48 13.28 -12.54
N LEU B 72 -1.09 12.58 -11.58
CA LEU B 72 -2.42 12.00 -11.80
C LEU B 72 -3.48 13.07 -12.00
N ARG B 73 -3.33 14.23 -11.36
CA ARG B 73 -4.28 15.32 -11.57
C ARG B 73 -4.26 15.80 -13.01
N ALA B 74 -3.08 15.81 -13.63
CA ALA B 74 -2.91 16.39 -14.96
C ALA B 74 -3.23 15.43 -16.08
N THR B 75 -3.23 14.12 -15.83
CA THR B 75 -3.49 13.16 -16.89
C THR B 75 -4.98 12.91 -17.05
N THR B 76 -5.38 12.60 -18.28
CA THR B 76 -6.75 12.21 -18.59
C THR B 76 -6.92 10.70 -18.67
N GLU B 77 -5.84 9.94 -18.56
CA GLU B 77 -5.96 8.48 -18.47
C GLU B 77 -6.66 8.10 -17.18
N LEU B 78 -7.64 7.19 -17.28
CA LEU B 78 -8.33 6.72 -16.10
C LEU B 78 -7.42 5.82 -15.25
N ARG B 79 -6.63 4.98 -15.90
CA ARG B 79 -5.68 4.10 -15.21
C ARG B 79 -4.32 4.26 -15.86
N THR B 80 -3.30 4.58 -15.06
CA THR B 80 -1.97 4.89 -15.57
C THR B 80 -1.06 3.68 -15.37
N PHE B 81 -0.55 3.14 -16.49
CA PHE B 81 0.37 2.01 -16.46
C PHE B 81 1.74 2.33 -17.04
N SER B 82 1.98 3.56 -17.49
CA SER B 82 3.10 3.88 -18.35
C SER B 82 4.21 4.67 -17.66
N ILE B 83 4.16 4.81 -16.33
CA ILE B 83 5.14 5.65 -15.64
C ILE B 83 6.54 5.08 -15.81
N LEU B 84 6.70 3.78 -15.54
CA LEU B 84 8.04 3.19 -15.57
C LEU B 84 8.58 3.08 -16.98
N ASN B 85 7.71 2.78 -17.96
CA ASN B 85 8.17 2.74 -19.34
C ASN B 85 8.63 4.12 -19.81
N ARG B 86 7.93 5.18 -19.40
CA ARG B 86 8.33 6.52 -19.79
C ARG B 86 9.67 6.91 -19.16
N LYS B 87 9.91 6.46 -17.92
CA LYS B 87 11.20 6.75 -17.31
C LYS B 87 12.32 5.96 -17.97
N ALA B 88 12.03 4.76 -18.47
CA ALA B 88 13.04 4.04 -19.25
C ALA B 88 13.37 4.80 -20.53
N ILE B 89 12.36 5.39 -21.17
CA ILE B 89 12.60 6.19 -22.37
C ILE B 89 13.42 7.43 -22.02
N ASP B 90 13.05 8.12 -20.94
CA ASP B 90 13.78 9.31 -20.54
C ASP B 90 15.22 8.99 -20.11
N PHE B 91 15.46 7.78 -19.61
CA PHE B 91 16.83 7.33 -19.38
C PHE B 91 17.64 7.37 -20.66
N LEU B 92 17.10 6.75 -21.72
CA LEU B 92 17.83 6.66 -22.97
C LEU B 92 17.96 8.02 -23.64
N LEU B 93 16.92 8.85 -23.57
CA LEU B 93 16.98 10.17 -24.18
C LEU B 93 18.02 11.04 -23.49
N GLN B 94 18.16 10.92 -22.17
CA GLN B 94 19.14 11.73 -21.45
C GLN B 94 20.56 11.40 -21.88
N ARG B 95 20.83 10.12 -22.13
CA ARG B 95 22.19 9.69 -22.48
C ARG B 95 22.44 9.65 -23.98
N TRP B 96 21.41 9.40 -24.79
CA TRP B 96 21.60 9.20 -26.21
C TRP B 96 20.71 10.08 -27.08
N GLY B 97 20.03 11.06 -26.48
CA GLY B 97 19.15 11.94 -27.24
C GLY B 97 19.87 12.96 -28.09
N GLY B 98 21.17 13.15 -27.88
CA GLY B 98 21.93 14.07 -28.70
C GLY B 98 23.24 13.44 -29.15
N THR B 99 24.12 14.24 -29.74
CA THR B 99 25.42 13.74 -30.15
C THR B 99 26.26 13.39 -28.94
N CYS B 100 26.88 12.21 -28.97
CA CYS B 100 27.73 11.74 -27.88
C CYS B 100 29.15 12.20 -28.15
N HIS B 101 29.60 13.22 -27.41
CA HIS B 101 30.97 13.71 -27.54
C HIS B 101 31.88 12.85 -26.67
N ILE B 102 32.71 12.02 -27.31
CA ILE B 102 33.56 11.09 -26.58
C ILE B 102 34.49 11.84 -25.63
N LEU B 103 34.69 11.26 -24.45
CA LEU B 103 35.44 11.82 -23.32
C LEU B 103 34.72 12.97 -22.63
N GLY B 104 33.55 13.37 -23.11
CA GLY B 104 32.76 14.38 -22.45
C GLY B 104 32.03 13.80 -21.26
N PRO B 105 31.52 14.65 -20.35
CA PRO B 105 30.89 14.11 -19.14
C PRO B 105 29.53 13.48 -19.37
N ASP B 106 28.79 13.88 -20.40
CA ASP B 106 27.45 13.36 -20.66
C ASP B 106 27.43 12.26 -21.71
N CYS B 107 28.59 11.74 -22.10
CA CYS B 107 28.69 10.69 -23.11
C CYS B 107 29.20 9.41 -22.44
N CYS B 108 28.38 8.36 -22.46
CA CYS B 108 28.71 7.10 -21.80
C CYS B 108 29.37 6.14 -22.78
N ILE B 109 30.48 6.59 -23.38
CA ILE B 109 31.28 5.77 -24.28
C ILE B 109 32.69 5.69 -23.71
N GLU B 110 33.17 4.47 -23.45
CA GLU B 110 34.48 4.26 -22.87
C GLU B 110 35.45 3.80 -23.95
N PRO B 111 36.43 4.62 -24.33
CA PRO B 111 37.41 4.16 -25.31
C PRO B 111 38.66 3.59 -24.64
N ALA B 112 38.50 2.95 -23.49
CA ALA B 112 39.63 2.54 -22.67
C ALA B 112 40.47 1.47 -23.36
N ASP B 113 39.89 0.28 -23.57
CA ASP B 113 40.63 -0.86 -24.12
C ASP B 113 41.20 -0.58 -25.50
N TRP B 114 40.72 0.46 -26.18
CA TRP B 114 41.16 0.74 -27.53
C TRP B 114 41.84 2.11 -27.65
N THR B 115 41.93 2.87 -26.55
CA THR B 115 43.08 3.73 -26.37
C THR B 115 44.35 2.89 -26.35
N LYS B 116 44.27 1.72 -25.72
CA LYS B 116 45.36 0.76 -25.65
C LYS B 116 45.44 -0.16 -26.87
N ASN B 117 44.63 0.07 -27.89
CA ASN B 117 44.76 -0.66 -29.15
C ASN B 117 45.53 0.11 -30.20
N ILE B 118 45.51 1.44 -30.13
CA ILE B 118 46.34 2.26 -31.02
C ILE B 118 47.72 2.48 -30.43
N THR B 119 47.79 2.95 -29.18
CA THR B 119 49.07 3.23 -28.54
C THR B 119 49.91 1.99 -28.34
N ASP B 120 49.32 0.79 -28.39
CA ASP B 120 50.11 -0.43 -28.42
C ASP B 120 50.62 -0.70 -29.83
N LYS B 121 49.77 -0.53 -30.84
CA LYS B 121 50.11 -0.82 -32.22
C LYS B 121 50.69 0.40 -32.94
N ILE B 122 51.09 1.45 -32.22
CA ILE B 122 52.02 2.41 -32.80
C ILE B 122 53.40 1.76 -32.89
N ASP B 123 53.67 0.80 -32.01
CA ASP B 123 54.87 -0.03 -32.09
C ASP B 123 54.74 -1.11 -33.15
N GLN B 124 54.08 -0.79 -34.27
CA GLN B 124 54.22 -1.52 -35.53
C GLN B 124 54.79 -0.64 -36.63
N ILE B 125 54.89 0.68 -36.39
CA ILE B 125 55.38 1.63 -37.38
C ILE B 125 56.63 2.36 -36.87
N ILE B 126 56.56 2.91 -35.65
CA ILE B 126 57.76 3.44 -35.03
C ILE B 126 58.68 2.29 -34.62
N HIS B 127 58.10 1.12 -34.37
CA HIS B 127 58.87 -0.12 -34.21
C HIS B 127 59.72 -0.38 -35.45
N ASP B 128 59.06 -0.51 -36.60
CA ASP B 128 59.72 -0.91 -37.84
C ASP B 128 59.96 0.32 -38.71
N PHE B 129 60.95 1.12 -38.29
CA PHE B 129 61.42 2.24 -39.08
C PHE B 129 62.81 1.93 -39.60
N VAL B 130 62.97 0.76 -40.22
CA VAL B 130 64.25 0.25 -40.66
C VAL B 130 64.22 0.03 -42.17
N ASP B 131 65.36 0.24 -42.82
CA ASP B 131 65.50 -0.02 -44.25
C ASP B 131 66.89 -0.53 -44.58
C1 NAG C . 4.25 11.57 4.91
C2 NAG C . 2.73 11.68 4.88
C3 NAG C . 2.26 12.90 5.68
C4 NAG C . 2.85 12.88 7.08
C5 NAG C . 4.36 12.68 7.03
C6 NAG C . 4.97 12.48 8.40
C7 NAG C . 1.34 10.88 3.03
C8 NAG C . 0.91 11.08 1.61
N2 NAG C . 2.23 11.75 3.51
O3 NAG C . 0.84 12.86 5.73
O4 NAG C . 2.62 14.12 7.75
O5 NAG C . 4.69 11.51 6.27
O6 NAG C . 4.54 11.25 8.96
O7 NAG C . 0.88 9.96 3.71
C1 NAG C . 1.28 14.27 8.30
C2 NAG C . 1.34 14.67 9.77
C3 NAG C . -0.07 14.89 10.30
C4 NAG C . -0.81 15.91 9.45
C5 NAG C . -0.78 15.49 7.98
C6 NAG C . -1.36 16.53 7.05
C7 NAG C . 3.25 13.88 11.09
C8 NAG C . 3.82 12.74 11.89
N2 NAG C . 2.04 13.67 10.55
O3 NAG C . 0.03 15.36 11.66
O4 NAG C . -2.18 15.97 9.86
O5 NAG C . 0.58 15.29 7.55
O6 NAG C . -1.74 15.97 5.80
O7 NAG C . 3.85 14.94 10.95
C1 BMA C . -2.47 17.23 10.51
C2 BMA C . -3.99 17.47 10.34
C3 BMA C . -4.44 18.68 11.17
C4 BMA C . -3.84 18.73 12.58
C5 BMA C . -2.34 18.40 12.60
C6 BMA C . -1.88 18.14 14.01
O2 BMA C . -4.71 16.37 10.83
O3 BMA C . -5.87 18.67 11.31
O4 BMA C . -4.05 20.04 13.12
O5 BMA C . -2.12 17.18 11.88
O6 BMA C . -2.56 16.96 14.45
C1 MAN C . -6.44 19.93 10.84
C2 MAN C . -7.98 19.92 11.13
C3 MAN C . -8.69 18.91 10.23
C4 MAN C . -8.29 19.06 8.73
C5 MAN C . -6.76 19.12 8.56
C6 MAN C . -6.28 19.29 7.14
O2 MAN C . -8.58 21.20 10.85
O3 MAN C . -10.12 19.02 10.36
O4 MAN C . -8.77 17.91 8.00
O5 MAN C . -6.17 20.15 9.44
O6 MAN C . -4.87 18.97 7.18
C1 MAN C . -2.45 16.80 15.88
C2 MAN C . -3.43 17.81 16.56
C3 MAN C . -2.65 18.79 17.44
C4 MAN C . -1.76 18.04 18.45
C5 MAN C . -0.91 16.95 17.76
C6 MAN C . -1.21 15.54 18.25
O2 MAN C . -4.34 17.14 17.43
O3 MAN C . -3.51 19.69 18.12
O4 MAN C . -0.91 18.96 19.13
O5 MAN C . -1.11 16.98 16.31
O6 MAN C . -0.52 14.62 17.40
C1 NAG D . -17.02 -14.74 17.39
C2 NAG D . -16.47 -14.91 15.98
C3 NAG D . -17.27 -15.95 15.21
C4 NAG D . -17.31 -17.26 15.99
C5 NAG D . -17.82 -17.02 17.41
C6 NAG D . -17.74 -18.25 18.29
C7 NAG D . -15.35 -13.13 14.70
C8 NAG D . -15.52 -11.82 13.99
N2 NAG D . -16.46 -13.65 15.25
O3 NAG D . -16.69 -16.17 13.93
O4 NAG D . -18.15 -18.20 15.33
O5 NAG D . -17.03 -16.00 18.05
O6 NAG D . -16.81 -19.18 17.79
O7 NAG D . -14.27 -13.70 14.77
C1 NAG E . -18.12 19.15 15.43
C2 NAG E . -18.10 20.38 14.49
C3 NAG E . -19.16 21.45 14.84
C4 NAG E . -20.07 21.16 16.04
C5 NAG E . -19.77 19.86 16.76
C6 NAG E . -20.94 19.31 17.53
C7 NAG E . -15.85 20.77 13.53
C8 NAG E . -14.54 21.48 13.71
N2 NAG E . -16.76 20.97 14.48
O3 NAG E . -19.96 21.71 13.70
O4 NAG E . -19.99 22.22 16.98
O5 NAG E . -19.40 18.88 15.79
O6 NAG E . -20.54 18.90 18.84
O7 NAG E . -16.06 20.05 12.56
C1 NAG F . -27.43 -11.08 9.68
C2 NAG F . -27.87 -12.37 8.97
C3 NAG F . -27.45 -12.34 7.50
C4 NAG F . -27.91 -11.06 6.81
C5 NAG F . -27.43 -9.86 7.60
C6 NAG F . -27.91 -8.53 7.04
C7 NAG F . -27.99 -14.24 10.54
C8 NAG F . -27.26 -15.42 11.13
N2 NAG F . -27.32 -13.54 9.63
O3 NAG F . -28.00 -13.47 6.83
O4 NAG F . -27.42 -11.00 5.49
O5 NAG F . -27.92 -9.93 8.95
O6 NAG F . -29.25 -8.26 7.39
O7 NAG F . -29.13 -13.95 10.88
C1 NAG G . -29.89 -14.58 28.48
C2 NAG G . -28.76 -15.55 28.91
C3 NAG G . -27.70 -14.84 29.74
C4 NAG G . -27.21 -13.57 29.05
C5 NAG G . -28.40 -12.66 28.87
C6 NAG G . -28.06 -11.35 28.20
C7 NAG G . -28.64 -17.80 29.91
C8 NAG G . -29.36 -18.82 30.74
N2 NAG G . -29.31 -16.66 29.65
O3 NAG G . -26.60 -15.70 29.94
O4 NAG G . -26.21 -12.93 29.86
O5 NAG G . -29.32 -13.32 28.02
O6 NAG G . -29.20 -10.50 28.12
O7 NAG G . -27.50 -17.99 29.53
C1 GOL H . 8.03 -3.54 -15.57
O1 GOL H . 8.49 -3.69 -14.26
C2 GOL H . 7.98 -2.02 -15.88
O2 GOL H . 9.23 -1.48 -16.14
C3 GOL H . 7.01 -1.89 -17.08
O3 GOL H . 5.73 -1.80 -16.53
C1 GOL I . -3.72 1.06 8.23
O1 GOL I . -4.77 1.90 8.56
C2 GOL I . -4.10 0.36 6.90
O2 GOL I . -4.75 1.22 6.03
C3 GOL I . -2.76 -0.15 6.32
O3 GOL I . -1.95 0.97 6.09
C1 GOL J . -22.25 6.14 -7.27
O1 GOL J . -23.38 5.45 -6.74
C2 GOL J . -22.09 7.44 -6.42
O2 GOL J . -22.20 7.17 -5.04
C3 GOL J . -20.72 8.06 -6.83
O3 GOL J . -20.88 9.47 -6.78
CL19 SRE K . 15.85 -1.63 -2.90
C16 SRE K . 14.48 -2.76 -2.91
C15 SRE K . 13.56 -2.73 -1.88
CL20 SRE K . 13.76 -1.57 -0.55
C17 SRE K . 14.33 -3.67 -3.95
C18 SRE K . 13.27 -4.55 -3.97
C13 SRE K . 12.34 -4.52 -2.94
C14 SRE K . 12.49 -3.62 -1.89
C4 SRE K . 11.14 -5.53 -2.94
C5 SRE K . 10.36 -5.37 -4.34
C6 SRE K . 10.01 -4.12 -4.82
C7 SRE K . 9.33 -4.00 -6.04
C8 SRE K . 9.00 -5.15 -6.77
C9 SRE K . 9.35 -6.40 -6.28
C10 SRE K . 10.02 -6.52 -5.08
C1 SRE K . 10.42 -7.95 -4.53
N11 SRE K . 11.29 -8.58 -5.55
C12 SRE K . 11.05 -10.02 -5.58
C2 SRE K . 11.13 -8.09 -3.19
C3 SRE K . 11.75 -6.84 -2.58
S DMS L . 6.66 -8.00 10.06
O DMS L . 5.42 -7.17 10.11
C1 DMS L . 6.23 -9.74 10.30
C2 DMS L . 7.25 -8.09 8.35
C1 GOL M . 4.19 14.87 0.03
O1 GOL M . 4.74 13.76 -0.61
C2 GOL M . 3.74 14.41 1.43
O2 GOL M . 4.04 13.08 1.67
C3 GOL M . 4.48 15.36 2.39
O3 GOL M . 4.07 15.02 3.67
C1 GOL N . 18.71 4.85 2.81
O1 GOL N . 18.94 3.48 2.99
C2 GOL N . 18.70 5.51 4.18
O2 GOL N . 17.41 5.85 4.57
C3 GOL N . 19.39 4.46 5.08
O3 GOL N . 20.77 4.67 4.96
#